data_5J6O
#
_entry.id   5J6O
#
_cell.length_a   63.500
_cell.length_b   63.500
_cell.length_c   145.220
_cell.angle_alpha   90.00
_cell.angle_beta   90.00
_cell.angle_gamma   90.00
#
_symmetry.space_group_name_H-M   'P 41 2 2'
#
loop_
_entity.id
_entity.type
_entity.pdbx_description
1 polymer 'Putative polyketide synthase'
2 non-polymer 'MAGNESIUM ION'
3 water water
#
_entity_poly.entity_id   1
_entity_poly.type   'polypeptide(L)'
_entity_poly.pdbx_seq_one_letter_code
;SMANTITASVIHPMLHQNTSTFSEQRFSSTFTGEEFFLADHVVKGQRVLPGVAYLEMARSAMEHAVGEDVHGNTSMKLQN
VIWARPIVVGDQPVRVHTGLVLEEDGEVSYQIYSEAEGSDAEIVVHSQGNAVLTPRSELHMLDLPVLQEQCSEQVISSEE
FYEFFSAIQIDYGSGHKGIDKVYVGPGQVLAKLILPLSVTGSVDQFVLHPSLMDSALQASVELTLSSRHVMSSDSLAKRK
PVMPFALEEMEIIRPCTSEMWAYVRYSDGSQAGNKVEKYDIDLCDDIGTICVRMKGFTSRVLEREIQTDRTAAKGAVETA
S
;
_entity_poly.pdbx_strand_id   A
#
loop_
_chem_comp.id
_chem_comp.type
_chem_comp.name
_chem_comp.formula
MG non-polymer 'MAGNESIUM ION' 'Mg 2'
#
# COMPACT_ATOMS: atom_id res chain seq x y z
N ILE A 11 14.19 -13.17 1.48
CA ILE A 11 13.00 -13.82 0.92
C ILE A 11 12.34 -12.83 -0.02
N HIS A 12 12.21 -11.60 0.48
CA HIS A 12 11.43 -10.56 -0.16
C HIS A 12 11.91 -9.23 0.39
N PRO A 13 12.01 -8.19 -0.44
CA PRO A 13 12.65 -6.94 0.00
C PRO A 13 12.07 -6.35 1.28
N MET A 14 10.88 -6.77 1.71
CA MET A 14 10.26 -6.31 2.96
C MET A 14 10.00 -7.50 3.88
N LEU A 15 10.36 -8.70 3.45
CA LEU A 15 10.16 -9.93 4.21
C LEU A 15 11.45 -10.71 4.03
N HIS A 16 12.33 -10.62 5.02
CA HIS A 16 13.72 -11.03 4.89
C HIS A 16 13.94 -12.49 5.25
N GLN A 17 13.44 -12.95 6.38
CA GLN A 17 13.54 -14.36 6.75
C GLN A 17 12.33 -14.82 7.57
N ASN A 18 12.29 -16.13 7.77
CA ASN A 18 11.19 -16.85 8.40
C ASN A 18 11.61 -17.27 9.80
N THR A 19 10.95 -16.73 10.82
CA THR A 19 11.34 -16.96 12.20
C THR A 19 10.18 -17.58 12.95
N SER A 20 9.71 -18.69 12.42
CA SER A 20 8.49 -19.36 12.87
C SER A 20 8.83 -20.43 13.89
N THR A 21 8.03 -20.48 14.94
CA THR A 21 8.15 -21.45 16.02
C THR A 21 6.79 -22.13 16.21
N PHE A 22 6.69 -23.01 17.21
CA PHE A 22 5.44 -23.72 17.45
C PHE A 22 4.33 -22.80 17.92
N SER A 23 4.68 -21.64 18.47
CA SER A 23 3.70 -20.69 18.96
C SER A 23 3.17 -19.79 17.86
N GLU A 24 3.98 -19.54 16.83
CA GLU A 24 3.58 -18.57 15.83
C GLU A 24 4.25 -18.81 14.49
N GLN A 25 3.48 -18.56 13.43
CA GLN A 25 4.03 -18.35 12.09
C GLN A 25 4.57 -16.93 12.00
N ARG A 26 5.87 -16.80 11.75
CA ARG A 26 6.55 -15.50 11.78
C ARG A 26 7.46 -15.28 10.58
N PHE A 27 7.56 -14.01 10.22
CA PHE A 27 8.48 -13.51 9.21
C PHE A 27 9.09 -12.24 9.75
N SER A 28 10.39 -12.27 10.00
CA SER A 28 11.08 -11.13 10.58
C SER A 28 11.81 -10.36 9.48
N SER A 29 11.88 -9.05 9.64
CA SER A 29 12.53 -8.19 8.67
C SER A 29 13.25 -7.08 9.41
N THR A 30 14.39 -6.68 8.87
CA THR A 30 15.21 -5.64 9.47
C THR A 30 15.41 -4.56 8.43
N PHE A 31 15.04 -3.32 8.75
CA PHE A 31 15.19 -2.23 7.80
C PHE A 31 16.18 -1.22 8.37
N THR A 32 17.38 -1.22 7.80
CA THR A 32 18.40 -0.27 8.21
C THR A 32 18.01 1.16 7.86
N GLY A 33 17.58 1.36 6.62
CA GLY A 33 17.30 2.68 6.11
C GLY A 33 17.85 2.80 4.70
N GLU A 34 18.63 1.82 4.25
CA GLU A 34 19.17 1.89 2.90
C GLU A 34 18.13 1.58 1.85
N GLU A 35 17.03 0.94 2.23
CA GLU A 35 16.01 0.54 1.26
C GLU A 35 15.46 1.77 0.52
N PHE A 36 15.00 1.58 -0.73
CA PHE A 36 14.45 2.75 -1.43
C PHE A 36 13.16 3.25 -0.76
N PHE A 37 12.23 2.36 -0.47
CA PHE A 37 11.00 2.76 0.19
C PHE A 37 11.28 3.38 1.55
N LEU A 38 12.48 3.14 2.10
CA LEU A 38 12.96 3.86 3.27
C LEU A 38 14.16 4.74 2.94
N ALA A 39 13.97 5.66 2.02
CA ALA A 39 14.96 6.69 1.69
C ALA A 39 14.38 7.72 0.72
N ASP A 40 13.09 7.59 0.42
CA ASP A 40 12.44 8.43 -0.57
C ASP A 40 10.99 8.73 -0.17
N HIS A 41 10.66 8.55 1.12
CA HIS A 41 9.33 8.75 1.68
C HIS A 41 9.46 9.35 3.08
N VAL A 42 9.84 10.63 3.13
CA VAL A 42 10.11 11.34 4.38
C VAL A 42 8.81 11.95 4.88
N VAL A 43 8.57 11.82 6.19
CA VAL A 43 7.33 12.25 6.82
C VAL A 43 7.69 13.00 8.10
N LYS A 44 7.24 14.25 8.19
CA LYS A 44 7.42 15.07 9.39
C LYS A 44 8.88 15.12 9.80
N GLY A 45 9.78 14.99 8.81
CA GLY A 45 11.21 15.00 9.08
C GLY A 45 11.75 13.63 9.45
N GLN A 46 10.93 12.80 10.08
CA GLN A 46 11.36 11.48 10.48
C GLN A 46 11.31 10.49 9.33
N ARG A 47 12.10 9.44 9.46
CA ARG A 47 12.23 8.41 8.45
C ARG A 47 11.15 7.35 8.69
N VAL A 48 10.12 7.33 7.83
CA VAL A 48 8.91 6.54 8.08
C VAL A 48 8.65 5.60 6.91
N LEU A 49 8.16 4.40 7.22
CA LEU A 49 7.75 3.38 6.26
C LEU A 49 6.31 3.63 5.83
N PRO A 50 6.01 3.44 4.54
CA PRO A 50 4.66 3.77 4.03
C PRO A 50 3.62 2.69 4.33
N GLY A 51 2.41 3.16 4.61
CA GLY A 51 1.29 2.29 4.93
C GLY A 51 1.08 1.21 3.89
N VAL A 52 1.51 1.50 2.67
CA VAL A 52 1.35 0.55 1.59
C VAL A 52 2.32 -0.61 1.75
N ALA A 53 3.49 -0.34 2.34
CA ALA A 53 4.48 -1.41 2.50
C ALA A 53 3.95 -2.49 3.43
N TYR A 54 3.17 -2.10 4.45
CA TYR A 54 2.55 -3.07 5.34
C TYR A 54 1.67 -4.07 4.59
N LEU A 55 1.17 -3.70 3.41
CA LEU A 55 0.25 -4.59 2.72
C LEU A 55 1.01 -5.67 1.98
N GLU A 56 2.20 -5.33 1.45
CA GLU A 56 2.98 -6.28 0.68
C GLU A 56 3.70 -7.28 1.58
N MET A 57 4.00 -6.87 2.81
CA MET A 57 4.45 -7.82 3.83
C MET A 57 3.32 -8.80 4.15
N ALA A 58 2.15 -8.29 4.53
CA ALA A 58 1.01 -9.17 4.77
C ALA A 58 0.72 -10.06 3.56
N ARG A 59 0.95 -9.54 2.35
CA ARG A 59 0.72 -10.35 1.16
C ARG A 59 1.76 -11.46 1.06
N SER A 60 3.05 -11.08 1.04
CA SER A 60 4.15 -12.01 0.85
C SER A 60 4.37 -12.92 2.06
N ALA A 61 3.89 -12.53 3.25
CA ALA A 61 3.80 -13.46 4.37
C ALA A 61 2.88 -14.61 3.98
N MET A 62 1.69 -14.25 3.53
CA MET A 62 0.62 -15.21 3.27
C MET A 62 1.04 -16.25 2.25
N GLU A 63 1.56 -15.81 1.10
CA GLU A 63 2.01 -16.73 0.07
C GLU A 63 2.99 -17.75 0.63
N HIS A 64 3.93 -17.28 1.46
CA HIS A 64 4.94 -18.19 2.01
C HIS A 64 4.42 -19.02 3.16
N ALA A 65 3.41 -18.53 3.87
CA ALA A 65 2.75 -19.31 4.91
C ALA A 65 1.87 -20.42 4.34
N VAL A 66 1.89 -20.60 3.02
CA VAL A 66 1.16 -21.66 2.33
C VAL A 66 2.14 -22.38 1.42
N GLY A 67 2.15 -23.72 1.47
CA GLY A 67 3.20 -24.52 0.86
C GLY A 67 2.92 -25.08 -0.52
N GLU A 68 3.32 -26.32 -0.81
CA GLU A 68 3.06 -26.90 -2.12
C GLU A 68 1.61 -27.38 -2.15
N ASP A 69 0.87 -27.00 -3.19
CA ASP A 69 -0.56 -27.31 -3.29
C ASP A 69 -0.97 -27.51 -4.74
N VAL A 70 -1.94 -28.40 -4.96
CA VAL A 70 -2.30 -28.86 -6.30
C VAL A 70 -3.37 -27.97 -6.91
N HIS A 71 -2.99 -27.23 -7.95
CA HIS A 71 -3.88 -26.30 -8.69
C HIS A 71 -4.42 -25.27 -7.70
N GLY A 72 -5.74 -25.09 -7.61
CA GLY A 72 -6.32 -24.20 -6.63
C GLY A 72 -6.49 -22.77 -7.08
N ASN A 73 -7.06 -21.98 -6.17
CA ASN A 73 -7.31 -20.57 -6.40
C ASN A 73 -6.17 -19.74 -5.84
N THR A 74 -5.74 -18.76 -6.62
CA THR A 74 -4.85 -17.72 -6.12
C THR A 74 -5.45 -16.37 -6.49
N SER A 75 -6.00 -15.72 -5.48
CA SER A 75 -6.32 -14.31 -5.56
C SER A 75 -6.50 -13.89 -4.10
N MET A 76 -5.53 -13.16 -3.59
CA MET A 76 -5.46 -12.89 -2.17
C MET A 76 -6.20 -11.60 -1.87
N LYS A 77 -7.01 -11.67 -0.83
CA LYS A 77 -7.93 -10.60 -0.47
C LYS A 77 -7.61 -10.19 0.96
N LEU A 78 -7.17 -8.95 1.15
CA LEU A 78 -6.81 -8.44 2.47
C LEU A 78 -7.95 -7.56 2.99
N GLN A 79 -8.58 -8.01 4.06
CA GLN A 79 -9.72 -7.36 4.66
C GLN A 79 -9.44 -6.78 6.03
N ASN A 80 -10.13 -5.68 6.29
CA ASN A 80 -10.11 -4.95 7.57
C ASN A 80 -8.68 -4.73 8.06
N VAL A 81 -7.92 -4.03 7.23
CA VAL A 81 -6.56 -3.62 7.56
C VAL A 81 -6.61 -2.31 8.32
N ILE A 82 -5.74 -2.16 9.31
CA ILE A 82 -5.67 -0.95 10.11
C ILE A 82 -4.20 -0.61 10.36
N TRP A 83 -3.95 0.66 10.67
CA TRP A 83 -2.61 1.14 10.97
C TRP A 83 -2.65 1.87 12.29
N ALA A 84 -1.75 1.51 13.20
CA ALA A 84 -1.69 2.11 14.53
C ALA A 84 -0.53 3.06 14.71
N ARG A 85 0.70 2.60 14.46
CA ARG A 85 1.88 3.39 14.82
C ARG A 85 2.94 3.27 13.73
N PRO A 86 3.33 4.37 13.09
CA PRO A 86 4.31 4.25 12.01
C PRO A 86 5.65 3.81 12.57
N ILE A 87 6.44 3.18 11.72
CA ILE A 87 7.78 2.74 12.09
C ILE A 87 8.74 3.88 11.74
N VAL A 88 9.47 4.36 12.75
CA VAL A 88 10.43 5.46 12.58
C VAL A 88 11.81 4.83 12.62
N VAL A 89 12.66 5.21 11.65
CA VAL A 89 13.99 4.64 11.53
C VAL A 89 14.99 5.76 11.76
N GLY A 90 15.62 5.77 12.93
CA GLY A 90 16.57 6.81 13.28
C GLY A 90 17.94 6.24 13.57
N ASP A 91 18.77 6.09 12.53
CA ASP A 91 20.17 5.69 12.61
C ASP A 91 20.37 4.40 13.40
N GLN A 92 19.29 3.65 13.62
CA GLN A 92 19.31 2.40 14.37
C GLN A 92 18.54 1.36 13.57
N PRO A 93 19.15 0.25 13.17
CA PRO A 93 18.38 -0.81 12.53
C PRO A 93 17.18 -1.18 13.37
N VAL A 94 16.05 -1.40 12.70
CA VAL A 94 14.81 -1.81 13.35
C VAL A 94 14.43 -3.18 12.80
N ARG A 95 14.01 -4.08 13.68
CA ARG A 95 13.60 -5.42 13.29
C ARG A 95 12.08 -5.51 13.43
N VAL A 96 11.41 -5.87 12.34
CA VAL A 96 9.96 -5.90 12.30
C VAL A 96 9.50 -7.33 12.07
N HIS A 97 8.45 -7.73 12.79
CA HIS A 97 7.97 -9.09 12.82
C HIS A 97 6.56 -9.14 12.26
N THR A 98 6.33 -10.05 11.33
CA THR A 98 5.01 -10.23 10.72
C THR A 98 4.47 -11.58 11.18
N GLY A 99 3.45 -11.56 11.98
CA GLY A 99 2.97 -12.74 12.69
C GLY A 99 1.62 -13.14 12.17
N LEU A 100 1.46 -14.44 11.88
CA LEU A 100 0.27 -14.95 11.24
C LEU A 100 -0.40 -16.00 12.12
N VAL A 101 -1.73 -16.05 12.01
CA VAL A 101 -2.55 -16.97 12.79
C VAL A 101 -3.68 -17.46 11.88
N LEU A 102 -3.80 -18.77 11.75
CA LEU A 102 -4.81 -19.38 10.91
C LEU A 102 -6.07 -19.65 11.72
N GLU A 103 -7.20 -19.16 11.24
CA GLU A 103 -8.46 -19.34 11.92
C GLU A 103 -9.03 -20.71 11.57
N GLU A 104 -9.73 -21.32 12.53
CA GLU A 104 -10.44 -22.56 12.25
C GLU A 104 -11.33 -22.43 11.02
N ASP A 105 -12.02 -21.31 10.86
CA ASP A 105 -12.89 -21.18 9.69
C ASP A 105 -12.09 -21.21 8.40
N GLY A 106 -10.87 -20.70 8.41
CA GLY A 106 -10.07 -20.67 7.21
C GLY A 106 -9.38 -19.34 7.01
N GLU A 107 -9.98 -18.26 7.53
CA GLU A 107 -9.26 -16.99 7.47
C GLU A 107 -7.93 -17.05 8.19
N VAL A 108 -7.15 -16.02 7.92
CA VAL A 108 -5.84 -15.78 8.50
C VAL A 108 -5.85 -14.34 8.97
N SER A 109 -5.64 -14.14 10.25
CA SER A 109 -5.46 -12.79 10.78
C SER A 109 -3.97 -12.57 10.92
N TYR A 110 -3.56 -11.32 10.83
CA TYR A 110 -2.14 -11.04 10.89
C TYR A 110 -1.90 -9.80 11.73
N GLN A 111 -0.66 -9.64 12.12
CA GLN A 111 -0.18 -8.43 12.73
C GLN A 111 1.20 -8.15 12.21
N ILE A 112 1.58 -6.88 12.25
CA ILE A 112 2.92 -6.46 11.90
C ILE A 112 3.37 -5.59 13.06
N TYR A 113 4.13 -6.17 13.98
CA TYR A 113 4.65 -5.49 15.15
C TYR A 113 6.17 -5.34 15.05
N SER A 114 6.74 -4.76 16.11
CA SER A 114 8.16 -4.83 16.36
C SER A 114 8.43 -4.93 17.87
N GLU A 115 9.70 -5.10 18.20
CA GLU A 115 10.20 -5.11 19.57
C GLU A 115 11.21 -3.98 19.71
N ALA A 116 11.04 -3.14 20.73
CA ALA A 116 11.89 -1.98 20.89
C ALA A 116 13.29 -2.36 21.37
N GLU A 117 14.28 -1.55 20.99
CA GLU A 117 15.67 -1.84 21.36
C GLU A 117 15.95 -1.53 22.82
N GLY A 118 15.10 -0.74 23.49
CA GLY A 118 15.24 -0.49 24.91
C GLY A 118 14.61 -1.54 25.81
N SER A 119 13.46 -2.09 25.40
CA SER A 119 12.78 -3.14 26.16
C SER A 119 12.28 -4.20 25.19
N ASP A 120 12.96 -5.35 25.19
CA ASP A 120 12.66 -6.46 24.29
C ASP A 120 11.45 -7.27 24.72
N ALA A 121 11.05 -7.16 25.99
CA ALA A 121 9.88 -7.87 26.48
C ALA A 121 8.56 -7.17 26.13
N GLU A 122 8.62 -6.13 25.29
CA GLU A 122 7.47 -5.32 24.93
C GLU A 122 7.23 -5.40 23.43
N ILE A 123 5.97 -5.60 23.03
CA ILE A 123 5.60 -5.71 21.62
C ILE A 123 4.72 -4.51 21.27
N VAL A 124 4.99 -3.89 20.13
CA VAL A 124 4.21 -2.74 19.66
C VAL A 124 3.66 -3.06 18.28
N VAL A 125 2.38 -2.80 18.09
CA VAL A 125 1.66 -3.20 16.88
C VAL A 125 1.57 -2.00 15.95
N HIS A 126 2.07 -2.18 14.74
CA HIS A 126 2.05 -1.15 13.71
C HIS A 126 0.93 -1.32 12.69
N SER A 127 0.43 -2.54 12.48
CA SER A 127 -0.63 -2.75 11.51
C SER A 127 -1.24 -4.14 11.71
N GLN A 128 -2.57 -4.22 11.61
CA GLN A 128 -3.32 -5.46 11.75
C GLN A 128 -4.19 -5.70 10.52
N GLY A 129 -4.79 -6.88 10.49
CA GLY A 129 -5.78 -7.16 9.48
C GLY A 129 -6.08 -8.64 9.36
N ASN A 130 -6.83 -8.94 8.31
CA ASN A 130 -7.21 -10.28 7.95
C ASN A 130 -6.78 -10.51 6.51
N ALA A 131 -6.57 -11.77 6.18
CA ALA A 131 -6.24 -12.17 4.81
C ALA A 131 -7.02 -13.43 4.51
N VAL A 132 -7.65 -13.48 3.35
CA VAL A 132 -8.35 -14.68 2.91
C VAL A 132 -8.04 -14.89 1.44
N LEU A 133 -7.92 -16.15 1.06
CA LEU A 133 -7.71 -16.51 -0.33
C LEU A 133 -9.04 -16.80 -0.99
N THR A 134 -9.15 -16.40 -2.25
CA THR A 134 -10.42 -16.22 -2.92
C THR A 134 -10.22 -16.54 -4.39
N PRO A 135 -11.20 -17.17 -5.04
CA PRO A 135 -11.10 -17.35 -6.48
C PRO A 135 -11.11 -15.99 -7.16
N ARG A 136 -10.63 -15.95 -8.39
CA ARG A 136 -10.69 -14.72 -9.15
C ARG A 136 -12.12 -14.48 -9.62
N SER A 137 -12.57 -13.23 -9.52
CA SER A 137 -13.84 -12.82 -10.11
C SER A 137 -13.53 -12.43 -11.56
N GLU A 138 -14.46 -11.73 -12.20
CA GLU A 138 -14.24 -11.33 -13.58
C GLU A 138 -13.11 -10.33 -13.62
N LEU A 139 -12.38 -10.30 -14.74
CA LEU A 139 -11.29 -9.37 -14.86
C LEU A 139 -11.91 -8.06 -15.30
N HIS A 140 -12.33 -7.28 -14.32
CA HIS A 140 -12.96 -6.02 -14.61
C HIS A 140 -11.99 -5.10 -15.32
N MET A 141 -12.51 -4.48 -16.37
CA MET A 141 -11.77 -3.53 -17.18
C MET A 141 -12.43 -2.16 -17.13
N LEU A 142 -11.62 -1.15 -16.83
CA LEU A 142 -12.11 0.22 -16.79
C LEU A 142 -12.03 0.86 -18.17
N ASP A 143 -12.92 1.82 -18.40
CA ASP A 143 -12.96 2.58 -19.65
C ASP A 143 -11.92 3.69 -19.58
N LEU A 144 -10.71 3.39 -20.08
CA LEU A 144 -9.66 4.40 -20.09
C LEU A 144 -10.02 5.64 -20.91
N PRO A 145 -10.59 5.53 -22.13
CA PRO A 145 -10.93 6.78 -22.84
C PRO A 145 -12.09 7.53 -22.22
N VAL A 146 -13.13 6.83 -21.78
CA VAL A 146 -14.30 7.49 -21.20
C VAL A 146 -13.95 8.17 -19.89
N LEU A 147 -12.99 7.62 -19.13
CA LEU A 147 -12.67 8.17 -17.81
C LEU A 147 -12.07 9.57 -17.90
N GLN A 148 -11.15 9.79 -18.84
CA GLN A 148 -10.57 11.11 -19.02
C GLN A 148 -11.61 12.13 -19.45
N GLU A 149 -12.65 11.66 -20.15
CA GLU A 149 -13.72 12.55 -20.57
C GLU A 149 -14.34 13.27 -19.37
N GLN A 150 -14.85 12.51 -18.40
CA GLN A 150 -15.40 13.11 -17.19
C GLN A 150 -14.31 13.75 -16.33
N CYS A 151 -13.08 13.25 -16.42
CA CYS A 151 -11.95 13.79 -15.64
C CYS A 151 -11.15 14.74 -16.53
N SER A 152 -11.79 15.85 -16.88
CA SER A 152 -11.22 16.90 -17.73
C SER A 152 -11.39 18.28 -17.10
N GLU A 153 -11.78 18.33 -15.83
CA GLU A 153 -12.11 19.58 -15.16
C GLU A 153 -10.84 20.32 -14.74
N GLN A 154 -9.95 19.63 -14.02
CA GLN A 154 -8.71 20.20 -13.52
C GLN A 154 -7.61 19.19 -13.84
N VAL A 155 -6.41 19.70 -14.08
CA VAL A 155 -5.27 18.86 -14.40
C VAL A 155 -4.06 19.37 -13.61
N ILE A 156 -3.33 18.44 -13.01
CA ILE A 156 -2.13 18.75 -12.22
C ILE A 156 -0.97 17.96 -12.79
N SER A 157 0.18 18.61 -12.91
CA SER A 157 1.41 17.96 -13.35
C SER A 157 2.15 17.36 -12.16
N SER A 158 3.01 16.38 -12.47
CA SER A 158 3.87 15.75 -11.46
C SER A 158 4.53 16.74 -10.51
N GLU A 159 5.34 17.65 -11.05
CA GLU A 159 6.07 18.59 -10.18
C GLU A 159 5.12 19.31 -9.23
N GLU A 160 4.04 19.87 -9.76
CA GLU A 160 3.13 20.64 -8.94
C GLU A 160 2.52 19.76 -7.86
N PHE A 161 2.11 18.56 -8.25
CA PHE A 161 1.63 17.56 -7.30
C PHE A 161 2.63 17.34 -6.18
N TYR A 162 3.85 16.92 -6.53
CA TYR A 162 4.86 16.65 -5.51
C TYR A 162 5.25 17.91 -4.75
N GLU A 163 5.35 19.06 -5.45
CA GLU A 163 5.65 20.30 -4.74
C GLU A 163 4.57 20.63 -3.72
N PHE A 164 3.33 20.24 -4.01
CA PHE A 164 2.26 20.50 -3.06
C PHE A 164 2.48 19.76 -1.75
N PHE A 165 2.99 18.53 -1.81
CA PHE A 165 3.24 17.78 -0.58
C PHE A 165 4.33 18.45 0.25
N SER A 166 5.45 18.82 -0.39
CA SER A 166 6.57 19.40 0.33
C SER A 166 6.12 20.59 1.19
N ALA A 167 5.02 21.24 0.82
CA ALA A 167 4.44 22.29 1.66
C ALA A 167 3.88 21.72 2.95
N ILE A 168 3.41 20.47 2.89
CA ILE A 168 2.88 19.78 4.06
C ILE A 168 4.01 19.06 4.79
N GLN A 169 5.22 19.08 4.22
CA GLN A 169 6.39 18.36 4.71
C GLN A 169 6.15 16.84 4.68
N ILE A 170 6.06 16.39 3.44
CA ILE A 170 6.03 14.96 3.10
C ILE A 170 6.91 14.85 1.86
N ASP A 171 8.21 14.64 2.07
CA ASP A 171 9.21 14.76 1.01
C ASP A 171 9.39 13.41 0.32
N TYR A 172 8.78 13.27 -0.86
CA TYR A 172 8.88 12.04 -1.65
C TYR A 172 10.12 12.12 -2.53
N GLY A 173 11.07 11.22 -2.30
CA GLY A 173 12.29 11.18 -3.06
C GLY A 173 12.15 10.40 -4.35
N SER A 174 13.26 10.35 -5.10
CA SER A 174 13.30 9.74 -6.43
C SER A 174 12.42 8.50 -6.57
N GLY A 175 12.52 7.58 -5.60
CA GLY A 175 11.85 6.29 -5.74
C GLY A 175 10.34 6.38 -5.68
N HIS A 176 9.81 7.30 -4.87
CA HIS A 176 8.37 7.48 -4.73
C HIS A 176 7.81 8.52 -5.70
N LYS A 177 8.57 8.93 -6.71
CA LYS A 177 8.09 9.86 -7.73
C LYS A 177 7.46 9.09 -8.89
N GLY A 178 6.44 8.31 -8.56
CA GLY A 178 5.79 7.47 -9.56
C GLY A 178 4.59 8.13 -10.20
N ILE A 179 4.00 9.11 -9.51
CA ILE A 179 2.90 9.88 -10.08
C ILE A 179 3.37 10.58 -11.36
N ASP A 180 2.43 10.75 -12.29
CA ASP A 180 2.71 11.51 -13.50
C ASP A 180 1.60 12.54 -13.75
N LYS A 181 0.77 12.31 -14.77
CA LYS A 181 -0.35 13.20 -15.05
C LYS A 181 -1.49 12.89 -14.08
N VAL A 182 -2.24 13.91 -13.71
CA VAL A 182 -3.36 13.74 -12.78
C VAL A 182 -4.57 14.47 -13.35
N TYR A 183 -5.65 13.74 -13.57
CA TYR A 183 -6.89 14.28 -14.11
C TYR A 183 -7.95 14.28 -13.02
N VAL A 184 -8.65 15.40 -12.89
CA VAL A 184 -9.74 15.55 -11.93
C VAL A 184 -11.05 15.64 -12.69
N GLY A 185 -12.07 14.96 -12.17
CA GLY A 185 -13.43 15.17 -12.59
C GLY A 185 -14.29 15.49 -11.38
N PRO A 186 -15.58 15.39 -11.51
CA PRO A 186 -16.47 15.54 -10.34
C PRO A 186 -16.58 14.24 -9.58
N GLY A 187 -16.03 14.22 -8.35
CA GLY A 187 -15.99 13.02 -7.54
C GLY A 187 -15.27 11.92 -8.27
N GLN A 188 -14.33 12.32 -9.12
CA GLN A 188 -13.53 11.40 -9.90
C GLN A 188 -12.09 11.87 -9.83
N VAL A 189 -11.18 10.92 -9.74
CA VAL A 189 -9.77 11.22 -9.83
C VAL A 189 -9.15 10.20 -10.76
N LEU A 190 -8.24 10.68 -11.58
CA LEU A 190 -7.47 9.79 -12.42
C LEU A 190 -6.02 10.20 -12.29
N ALA A 191 -5.16 9.28 -12.64
CA ALA A 191 -3.74 9.52 -12.48
C ALA A 191 -2.97 8.50 -13.28
N LYS A 192 -2.15 8.98 -14.20
CA LYS A 192 -1.15 8.14 -14.81
C LYS A 192 0.04 8.12 -13.87
N LEU A 193 0.62 6.95 -13.68
CA LEU A 193 1.82 6.86 -12.89
C LEU A 193 2.76 5.86 -13.54
N ILE A 194 4.05 6.10 -13.39
CA ILE A 194 5.08 5.29 -14.02
C ILE A 194 6.12 4.96 -12.97
N LEU A 195 6.77 3.81 -13.11
CA LEU A 195 7.82 3.47 -12.17
C LEU A 195 9.01 4.39 -12.39
N PRO A 196 9.73 4.77 -11.34
CA PRO A 196 10.92 5.61 -11.53
C PRO A 196 12.12 4.84 -12.07
N LEU A 197 12.97 5.57 -12.78
CA LEU A 197 14.17 4.98 -13.39
C LEU A 197 15.10 4.38 -12.35
N SER A 198 15.17 4.99 -11.17
CA SER A 198 16.03 4.46 -10.11
C SER A 198 15.68 3.01 -9.80
N VAL A 199 14.40 2.67 -9.79
CA VAL A 199 13.93 1.34 -9.42
C VAL A 199 13.57 0.56 -10.67
N THR A 200 14.32 0.76 -11.76
CA THR A 200 14.05 0.05 -13.00
C THR A 200 14.25 -1.45 -12.80
N GLY A 201 15.39 -1.83 -12.25
CA GLY A 201 15.68 -3.23 -12.02
C GLY A 201 14.73 -3.81 -11.00
N SER A 202 14.68 -3.18 -9.83
CA SER A 202 13.86 -3.75 -8.78
C SER A 202 12.38 -3.56 -9.12
N VAL A 203 11.82 -4.56 -9.78
CA VAL A 203 10.41 -4.58 -10.16
C VAL A 203 9.89 -6.01 -10.00
N ASP A 204 10.67 -6.98 -10.47
CA ASP A 204 10.30 -8.39 -10.38
C ASP A 204 10.43 -8.95 -8.97
N GLN A 205 10.96 -8.16 -8.02
CA GLN A 205 11.03 -8.58 -6.63
C GLN A 205 9.72 -8.35 -5.88
N PHE A 206 8.84 -7.49 -6.39
CA PHE A 206 7.60 -7.14 -5.71
C PHE A 206 6.40 -7.62 -6.51
N VAL A 207 5.30 -7.81 -5.80
CA VAL A 207 4.00 -8.00 -6.42
C VAL A 207 3.12 -6.76 -6.27
N LEU A 208 3.25 -6.03 -5.16
CA LEU A 208 2.54 -4.77 -4.94
C LEU A 208 3.56 -3.65 -4.81
N HIS A 209 4.17 -3.29 -5.94
CA HIS A 209 5.35 -2.44 -5.93
C HIS A 209 5.07 -1.15 -5.17
N PRO A 210 5.76 -0.87 -4.06
CA PRO A 210 5.42 0.34 -3.27
C PRO A 210 5.39 1.63 -4.09
N SER A 211 6.29 1.75 -5.06
CA SER A 211 6.45 3.01 -5.78
C SER A 211 5.17 3.40 -6.48
N LEU A 212 4.50 2.45 -7.13
CA LEU A 212 3.28 2.76 -7.86
C LEU A 212 2.08 2.80 -6.89
N MET A 213 1.96 1.79 -6.03
CA MET A 213 0.90 1.75 -5.02
C MET A 213 0.84 3.01 -4.15
N ASP A 214 1.94 3.36 -3.48
CA ASP A 214 1.87 4.57 -2.65
C ASP A 214 1.46 5.75 -3.50
N SER A 215 2.01 5.85 -4.71
CA SER A 215 1.60 6.89 -5.64
C SER A 215 0.11 6.87 -5.86
N ALA A 216 -0.47 5.68 -6.09
CA ALA A 216 -1.91 5.59 -6.21
C ALA A 216 -2.61 6.11 -4.96
N LEU A 217 -2.08 5.80 -3.77
CA LEU A 217 -2.62 6.36 -2.53
C LEU A 217 -2.39 7.86 -2.43
N GLN A 218 -1.29 8.35 -3.00
CA GLN A 218 -1.01 9.78 -2.97
C GLN A 218 -2.11 10.56 -3.66
N ALA A 219 -2.66 10.00 -4.75
CA ALA A 219 -3.73 10.68 -5.49
C ALA A 219 -5.00 10.82 -4.66
N SER A 220 -5.26 9.89 -3.73
CA SER A 220 -6.49 9.96 -2.95
C SER A 220 -6.56 11.23 -2.10
N VAL A 221 -5.41 11.79 -1.75
CA VAL A 221 -5.34 12.99 -0.92
C VAL A 221 -5.78 14.23 -1.68
N GLU A 222 -6.02 14.11 -2.98
CA GLU A 222 -6.37 15.23 -3.85
C GLU A 222 -7.82 15.70 -3.65
N LEU A 223 -8.43 15.26 -2.55
CA LEU A 223 -9.68 15.84 -2.07
C LEU A 223 -9.54 17.33 -1.82
N THR A 224 -8.36 17.76 -1.36
CA THR A 224 -8.16 19.14 -0.93
C THR A 224 -8.14 20.07 -2.13
N LYS A 240 -2.24 19.34 6.73
CA LYS A 240 -1.74 18.35 7.69
C LYS A 240 -1.43 17.03 6.99
N PRO A 241 -0.39 16.32 7.43
CA PRO A 241 -0.02 15.08 6.73
C PRO A 241 -1.09 13.99 6.88
N VAL A 242 -1.56 13.50 5.76
CA VAL A 242 -2.59 12.47 5.71
C VAL A 242 -1.92 11.10 5.78
N MET A 243 -2.45 10.21 6.63
CA MET A 243 -1.88 8.90 6.88
C MET A 243 -2.95 7.83 6.67
N PRO A 244 -2.64 6.71 6.02
CA PRO A 244 -3.62 5.63 5.91
C PRO A 244 -4.09 5.16 7.27
N PHE A 245 -5.40 5.01 7.42
CA PHE A 245 -5.99 4.62 8.70
C PHE A 245 -6.66 3.25 8.63
N ALA A 246 -7.67 3.10 7.78
CA ALA A 246 -8.39 1.82 7.72
C ALA A 246 -8.86 1.55 6.31
N LEU A 247 -8.47 0.39 5.82
CA LEU A 247 -8.86 -0.18 4.53
C LEU A 247 -9.66 -1.44 4.84
N GLU A 248 -10.90 -1.50 4.37
CA GLU A 248 -11.78 -2.61 4.72
C GLU A 248 -11.77 -3.72 3.68
N GLU A 249 -11.12 -3.50 2.54
CA GLU A 249 -11.02 -4.58 1.56
C GLU A 249 -9.88 -4.26 0.61
N MET A 250 -9.11 -5.27 0.26
CA MET A 250 -8.12 -5.10 -0.79
C MET A 250 -8.06 -6.41 -1.56
N GLU A 251 -8.05 -6.29 -2.88
CA GLU A 251 -8.12 -7.45 -3.76
C GLU A 251 -7.00 -7.34 -4.78
N ILE A 252 -6.19 -8.40 -4.85
CA ILE A 252 -5.00 -8.47 -5.70
C ILE A 252 -5.27 -9.50 -6.77
N ILE A 253 -4.96 -9.17 -8.03
CA ILE A 253 -5.13 -10.13 -9.12
C ILE A 253 -3.82 -10.34 -9.85
N ARG A 254 -3.35 -9.30 -10.53
CA ARG A 254 -2.13 -9.43 -11.28
C ARG A 254 -1.04 -8.62 -10.61
N PRO A 255 0.22 -8.94 -10.86
CA PRO A 255 1.30 -8.21 -10.19
C PRO A 255 1.25 -6.73 -10.56
N CYS A 256 1.42 -5.89 -9.53
CA CYS A 256 1.44 -4.45 -9.67
C CYS A 256 2.79 -3.98 -10.25
N THR A 257 3.01 -4.32 -11.52
CA THR A 257 4.22 -3.91 -12.21
C THR A 257 3.84 -3.26 -13.53
N SER A 258 3.19 -4.04 -14.39
CA SER A 258 2.69 -3.52 -15.65
C SER A 258 1.79 -2.31 -15.48
N GLU A 259 1.05 -2.25 -14.38
CA GLU A 259 0.00 -1.24 -14.25
C GLU A 259 0.58 0.13 -13.97
N MET A 260 0.17 1.11 -14.77
CA MET A 260 0.64 2.48 -14.68
C MET A 260 -0.51 3.47 -14.48
N TRP A 261 -1.76 3.00 -14.45
CA TRP A 261 -2.93 3.85 -14.26
C TRP A 261 -3.60 3.61 -12.91
N ALA A 262 -3.94 4.70 -12.22
CA ALA A 262 -4.71 4.64 -10.98
C ALA A 262 -5.98 5.48 -11.11
N TYR A 263 -7.00 5.13 -10.32
CA TYR A 263 -8.31 5.77 -10.39
C TYR A 263 -8.95 5.77 -9.02
N VAL A 264 -9.21 6.96 -8.48
CA VAL A 264 -9.73 7.14 -7.13
C VAL A 264 -11.10 7.79 -7.22
N ARG A 265 -12.06 7.24 -6.47
CA ARG A 265 -13.44 7.72 -6.43
C ARG A 265 -13.95 7.57 -5.01
N TYR A 266 -15.03 8.28 -4.67
CA TYR A 266 -15.61 8.04 -3.35
C TYR A 266 -16.30 6.69 -3.28
N SER A 267 -16.18 6.07 -2.12
CA SER A 267 -17.00 4.92 -1.76
C SER A 267 -18.42 5.37 -1.45
N ASP A 268 -19.37 4.47 -1.65
CA ASP A 268 -20.78 4.82 -1.50
C ASP A 268 -21.16 4.88 -0.01
N GLY A 269 -20.46 5.74 0.72
CA GLY A 269 -20.72 5.95 2.13
C GLY A 269 -21.11 7.38 2.45
N SER A 270 -20.81 8.31 1.54
CA SER A 270 -21.11 9.73 1.74
C SER A 270 -20.40 10.30 2.97
N GLN A 271 -19.29 9.69 3.38
CA GLN A 271 -18.54 10.09 4.57
C GLN A 271 -17.29 10.85 4.16
N ALA A 272 -17.44 12.17 4.03
CA ALA A 272 -16.40 13.06 3.58
C ALA A 272 -16.08 14.10 4.65
N GLY A 273 -14.79 14.41 4.81
CA GLY A 273 -14.35 15.39 5.78
C GLY A 273 -12.84 15.45 5.90
N ASN A 274 -12.32 16.51 6.53
CA ASN A 274 -10.87 16.71 6.61
C ASN A 274 -10.17 15.76 7.60
N LYS A 275 -10.90 15.03 8.45
CA LYS A 275 -10.25 14.02 9.28
C LYS A 275 -10.52 12.59 8.85
N VAL A 276 -11.68 12.28 8.26
CA VAL A 276 -11.99 10.91 7.85
C VAL A 276 -12.63 10.93 6.46
N GLU A 277 -12.07 10.14 5.56
CA GLU A 277 -12.42 10.06 4.14
C GLU A 277 -12.33 8.62 3.69
N LYS A 278 -13.28 8.17 2.89
CA LYS A 278 -13.36 6.76 2.55
C LYS A 278 -13.56 6.61 1.04
N TYR A 279 -12.62 5.92 0.39
CA TYR A 279 -12.50 5.89 -1.07
C TYR A 279 -12.44 4.46 -1.60
N ASP A 280 -12.51 4.36 -2.93
CA ASP A 280 -12.35 3.10 -3.65
C ASP A 280 -11.35 3.38 -4.77
N ILE A 281 -10.11 2.92 -4.58
CA ILE A 281 -9.04 3.15 -5.54
C ILE A 281 -8.90 1.92 -6.43
N ASP A 282 -8.51 2.14 -7.68
CA ASP A 282 -8.29 1.04 -8.62
C ASP A 282 -7.05 1.36 -9.44
N LEU A 283 -6.13 0.40 -9.51
CA LEU A 283 -4.95 0.50 -10.35
C LEU A 283 -5.13 -0.43 -11.55
N CYS A 284 -4.57 -0.04 -12.69
CA CYS A 284 -4.82 -0.83 -13.88
C CYS A 284 -3.73 -0.68 -14.92
N ASP A 285 -3.60 -1.73 -15.72
CA ASP A 285 -2.59 -1.91 -16.74
C ASP A 285 -2.64 -0.79 -17.75
N ASP A 286 -1.70 -0.77 -18.70
CA ASP A 286 -1.83 0.09 -19.86
C ASP A 286 -3.20 -0.12 -20.50
N ILE A 287 -3.51 -1.38 -20.77
CA ILE A 287 -4.78 -1.75 -21.41
C ILE A 287 -5.96 -1.34 -20.53
N GLY A 288 -5.83 -1.57 -19.21
CA GLY A 288 -6.85 -1.19 -18.24
C GLY A 288 -7.32 -2.37 -17.41
N THR A 289 -6.54 -3.45 -17.43
CA THR A 289 -6.87 -4.65 -16.67
C THR A 289 -6.62 -4.39 -15.18
N ILE A 290 -7.69 -4.44 -14.37
CA ILE A 290 -7.54 -4.15 -12.94
C ILE A 290 -6.69 -5.23 -12.30
N CYS A 291 -5.61 -4.84 -11.63
CA CYS A 291 -4.70 -5.74 -10.96
C CYS A 291 -4.78 -5.65 -9.43
N VAL A 292 -5.08 -4.47 -8.91
CA VAL A 292 -5.32 -4.27 -7.48
C VAL A 292 -6.57 -3.43 -7.37
N ARG A 293 -7.36 -3.68 -6.32
CA ARG A 293 -8.64 -3.01 -6.17
C ARG A 293 -8.90 -2.78 -4.69
N MET A 294 -8.88 -1.52 -4.30
CA MET A 294 -9.14 -1.12 -2.93
C MET A 294 -10.57 -0.63 -2.78
N LYS A 295 -11.09 -0.78 -1.57
CA LYS A 295 -12.46 -0.43 -1.23
C LYS A 295 -12.50 0.01 0.22
N GLY A 296 -13.16 1.13 0.46
CA GLY A 296 -13.36 1.61 1.82
C GLY A 296 -12.12 2.18 2.48
N PHE A 297 -11.21 2.76 1.70
CA PHE A 297 -9.92 3.18 2.26
C PHE A 297 -10.06 4.49 3.01
N THR A 298 -9.81 4.45 4.32
CA THR A 298 -9.92 5.61 5.19
C THR A 298 -8.54 6.20 5.46
N SER A 299 -8.43 7.52 5.33
CA SER A 299 -7.21 8.27 5.64
C SER A 299 -7.46 9.22 6.81
N ARG A 300 -6.46 9.39 7.67
CA ARG A 300 -6.61 10.20 8.86
C ARG A 300 -5.36 11.05 9.10
N VAL A 301 -5.58 12.21 9.70
CA VAL A 301 -4.57 13.26 9.86
C VAL A 301 -3.58 12.89 10.96
N LEU A 302 -2.31 13.24 10.74
CA LEU A 302 -1.23 12.89 11.65
C LEU A 302 -1.15 13.88 12.82
N GLU A 303 -1.20 13.34 14.03
CA GLU A 303 -1.01 14.13 15.25
C GLU A 303 0.21 13.63 16.02
MG MG B . 2.05 -23.97 13.49
#